data_1RFN
#
_entry.id   1RFN
#
_cell.length_a   90.900
_cell.length_b   90.900
_cell.length_c   151.600
_cell.angle_alpha   90.00
_cell.angle_beta   90.00
_cell.angle_gamma   120.00
#
_symmetry.space_group_name_H-M   'P 61 2 2'
#
loop_
_entity.id
_entity.type
_entity.pdbx_description
1 polymer 'PROTEIN (COAGULATION FACTOR IX)'
2 polymer 'PROTEIN (COAGULATION FACTOR IX)'
3 non-polymer 'CALCIUM ION'
4 non-polymer 'P-AMINO BENZAMIDINE'
5 non-polymer 'TERTIARY-BUTYL ALCOHOL'
6 water water
#
loop_
_entity_poly.entity_id
_entity_poly.type
_entity_poly.pdbx_seq_one_letter_code
_entity_poly.pdbx_strand_id
1 'polypeptide(L)'
;VVGGEDAKPGQFPWQVVLNGKVDAFCGGSIVNEKWIVTAAHCVETGVKITVVAGEHNIEETEHTEQKRNVIRIIPHHNYN
AAINKYNHDIALLELDEPLVLNSYVTPICIADKEYTNIFLKFGSGYVSGWGRVFHKGRSALVLQYLRVPLVDRATCLRST
KFTIYNNMFCAGFHEGGRDSCQGDSGGPHVTEVEGTSFLTGIISWGEECAMKGKYGIYTKVSRYVNWIKEKTKLT
;
A
2 'polypeptide(L)' MTCNIKNGRCEQFCKNSADNKVVCSCTEGYRLAENQKSCEPAVPFPCGRVSVSQTSK B
#
loop_
_chem_comp.id
_chem_comp.type
_chem_comp.name
_chem_comp.formula
CA non-polymer 'CALCIUM ION' 'Ca 2'
PBZ non-polymer 'P-AMINO BENZAMIDINE' 'C7 H10 N3 1'
TBU non-polymer 'TERTIARY-BUTYL ALCOHOL' 'C4 H10 O'
#
# COMPACT_ATOMS: atom_id res chain seq x y z
N VAL A 1 0.50 -1.29 -14.46
CA VAL A 1 1.94 -0.93 -14.36
C VAL A 1 2.65 -1.09 -15.70
N VAL A 2 3.11 0.04 -16.22
CA VAL A 2 3.82 0.07 -17.48
C VAL A 2 5.29 -0.07 -17.12
N GLY A 3 6.04 -0.82 -17.92
CA GLY A 3 7.45 -1.01 -17.66
C GLY A 3 7.77 -1.78 -16.38
N GLY A 4 6.89 -2.71 -16.01
CA GLY A 4 7.10 -3.48 -14.80
C GLY A 4 7.58 -4.89 -15.04
N GLU A 5 7.51 -5.72 -13.99
CA GLU A 5 7.95 -7.11 -14.05
C GLU A 5 6.94 -8.03 -13.39
N ASP A 6 6.97 -9.30 -13.75
CA ASP A 6 6.04 -10.28 -13.20
C ASP A 6 6.41 -10.62 -11.76
N ALA A 7 5.46 -10.48 -10.85
CA ALA A 7 5.70 -10.80 -9.46
C ALA A 7 5.68 -12.33 -9.29
N LYS A 8 6.44 -12.82 -8.31
CA LYS A 8 6.48 -14.24 -8.04
C LYS A 8 5.32 -14.45 -7.08
N PRO A 9 4.64 -15.61 -7.16
CA PRO A 9 3.52 -15.86 -6.25
C PRO A 9 3.94 -15.65 -4.78
N GLY A 10 3.10 -14.96 -4.02
CA GLY A 10 3.38 -14.69 -2.61
C GLY A 10 4.41 -13.60 -2.33
N GLN A 11 4.76 -12.83 -3.34
CA GLN A 11 5.75 -11.77 -3.20
C GLN A 11 5.19 -10.50 -2.58
N PHE A 12 3.89 -10.31 -2.72
CA PHE A 12 3.19 -9.15 -2.15
C PHE A 12 1.88 -9.71 -1.57
N PRO A 13 1.97 -10.45 -0.45
CA PRO A 13 0.84 -11.07 0.24
C PRO A 13 -0.32 -10.15 0.59
N TRP A 14 0.00 -8.87 0.78
CA TRP A 14 -0.98 -7.86 1.16
C TRP A 14 -1.85 -7.34 0.02
N GLN A 15 -1.41 -7.61 -1.21
CA GLN A 15 -2.10 -7.18 -2.42
C GLN A 15 -3.43 -7.91 -2.64
N VAL A 16 -4.45 -7.15 -3.03
CA VAL A 16 -5.75 -7.70 -3.35
C VAL A 16 -6.28 -6.96 -4.58
N VAL A 17 -7.23 -7.56 -5.29
CA VAL A 17 -7.81 -6.91 -6.45
C VAL A 17 -9.30 -6.76 -6.19
N LEU A 18 -9.89 -5.71 -6.74
CA LEU A 18 -11.31 -5.46 -6.58
C LEU A 18 -12.08 -5.71 -7.87
N ASN A 19 -13.23 -6.36 -7.75
CA ASN A 19 -14.08 -6.68 -8.90
C ASN A 19 -15.49 -6.16 -8.70
N GLY A 20 -16.03 -5.54 -9.73
CA GLY A 20 -17.38 -5.03 -9.66
C GLY A 20 -17.94 -4.95 -11.05
N LYS A 21 -18.25 -3.73 -11.46
CA LYS A 21 -18.78 -3.42 -12.78
C LYS A 21 -17.81 -4.03 -13.80
N VAL A 22 -16.55 -4.12 -13.39
CA VAL A 22 -15.49 -4.67 -14.22
C VAL A 22 -14.53 -5.40 -13.32
N ASP A 23 -13.90 -6.44 -13.84
CA ASP A 23 -12.94 -7.20 -13.05
C ASP A 23 -11.60 -6.48 -12.97
N ALA A 24 -10.97 -6.57 -11.81
CA ALA A 24 -9.68 -5.95 -11.58
C ALA A 24 -9.65 -4.49 -11.93
N PHE A 25 -10.72 -3.78 -11.60
CA PHE A 25 -10.81 -2.36 -11.92
C PHE A 25 -9.98 -1.51 -10.95
N CYS A 26 -9.64 -2.10 -9.80
CA CYS A 26 -8.84 -1.43 -8.79
C CYS A 26 -8.11 -2.43 -7.91
N GLY A 27 -7.12 -1.94 -7.18
CA GLY A 27 -6.37 -2.80 -6.27
C GLY A 27 -6.66 -2.39 -4.83
N GLY A 28 -5.99 -3.05 -3.89
CA GLY A 28 -6.16 -2.74 -2.48
C GLY A 28 -5.04 -3.38 -1.65
N SER A 29 -5.11 -3.21 -0.33
CA SER A 29 -4.13 -3.79 0.58
C SER A 29 -4.83 -4.30 1.81
N ILE A 30 -4.31 -5.40 2.35
CA ILE A 30 -4.85 -6.00 3.56
C ILE A 30 -4.31 -5.32 4.82
N VAL A 31 -5.21 -4.73 5.61
CA VAL A 31 -4.83 -4.09 6.88
C VAL A 31 -4.81 -5.19 7.95
N ASN A 32 -5.79 -6.09 7.85
CA ASN A 32 -5.93 -7.24 8.75
C ASN A 32 -7.01 -8.16 8.19
N GLU A 33 -7.27 -9.26 8.90
CA GLU A 33 -8.25 -10.26 8.49
C GLU A 33 -9.57 -9.71 7.98
N LYS A 34 -9.97 -8.56 8.52
CA LYS A 34 -11.24 -7.97 8.11
C LYS A 34 -11.21 -6.65 7.36
N TRP A 35 -10.04 -6.04 7.20
CA TRP A 35 -10.01 -4.75 6.52
C TRP A 35 -9.06 -4.57 5.36
N ILE A 36 -9.55 -3.85 4.35
CA ILE A 36 -8.80 -3.53 3.13
C ILE A 36 -8.66 -2.01 3.00
N VAL A 37 -7.51 -1.54 2.51
CA VAL A 37 -7.30 -0.11 2.27
C VAL A 37 -7.28 0.04 0.75
N THR A 38 -7.86 1.13 0.25
CA THR A 38 -7.88 1.35 -1.17
C THR A 38 -8.11 2.83 -1.42
N ALA A 39 -8.36 3.18 -2.68
CA ALA A 39 -8.63 4.56 -3.06
C ALA A 39 -10.11 4.82 -2.93
N ALA A 40 -10.46 6.05 -2.56
CA ALA A 40 -11.86 6.41 -2.43
C ALA A 40 -12.55 6.47 -3.78
N HIS A 41 -11.88 6.93 -4.83
CA HIS A 41 -12.52 7.01 -6.14
C HIS A 41 -12.79 5.66 -6.79
N CYS A 42 -12.34 4.57 -6.15
CA CYS A 42 -12.57 3.24 -6.68
C CYS A 42 -13.96 2.77 -6.30
N VAL A 43 -14.53 3.42 -5.29
CA VAL A 43 -15.85 3.06 -4.82
C VAL A 43 -16.95 4.00 -5.29
N GLU A 44 -17.55 3.66 -6.43
CA GLU A 44 -18.65 4.44 -6.99
C GLU A 44 -19.92 3.83 -6.39
N THR A 45 -20.76 4.68 -5.81
CA THR A 45 -22.00 4.21 -5.19
C THR A 45 -22.74 3.19 -6.02
N GLY A 46 -23.38 2.24 -5.35
CA GLY A 46 -24.15 1.22 -6.04
C GLY A 46 -23.47 -0.08 -6.36
N VAL A 47 -22.31 -0.01 -7.02
CA VAL A 47 -21.59 -1.22 -7.43
C VAL A 47 -21.22 -2.14 -6.25
N LYS A 48 -21.51 -3.42 -6.41
CA LYS A 48 -21.20 -4.43 -5.40
C LYS A 48 -19.74 -4.83 -5.60
N ILE A 49 -18.90 -4.54 -4.61
CA ILE A 49 -17.48 -4.87 -4.72
C ILE A 49 -17.12 -6.24 -4.16
N THR A 50 -16.29 -6.96 -4.90
CA THR A 50 -15.81 -8.28 -4.52
C THR A 50 -14.29 -8.20 -4.40
N VAL A 51 -13.77 -8.67 -3.27
CA VAL A 51 -12.34 -8.63 -3.01
C VAL A 51 -11.66 -9.99 -3.06
N VAL A 52 -10.59 -10.11 -3.82
CA VAL A 52 -9.87 -11.39 -3.87
C VAL A 52 -8.47 -11.19 -3.32
N ALA A 53 -8.14 -11.98 -2.31
CA ALA A 53 -6.83 -11.93 -1.69
C ALA A 53 -6.14 -13.21 -2.13
N GLY A 54 -4.81 -13.24 -2.06
CA GLY A 54 -4.09 -14.41 -2.49
C GLY A 54 -4.16 -14.59 -4.00
N GLU A 55 -4.21 -13.46 -4.73
CA GLU A 55 -4.29 -13.48 -6.18
C GLU A 55 -2.94 -13.37 -6.87
N HIS A 56 -2.79 -14.09 -7.97
CA HIS A 56 -1.59 -14.07 -8.79
C HIS A 56 -1.97 -13.91 -10.27
N ASN A 57 -2.47 -14.98 -10.88
CA ASN A 57 -2.93 -14.93 -12.27
C ASN A 57 -4.44 -14.72 -12.18
N ILE A 58 -4.87 -13.54 -12.60
CA ILE A 58 -6.26 -13.15 -12.53
C ILE A 58 -7.18 -14.01 -13.41
N GLU A 59 -6.56 -14.79 -14.30
CA GLU A 59 -7.28 -15.63 -15.24
C GLU A 59 -7.40 -17.09 -14.79
N GLU A 60 -6.37 -17.61 -14.14
CA GLU A 60 -6.38 -18.99 -13.67
C GLU A 60 -6.70 -19.19 -12.18
N THR A 61 -6.76 -20.44 -11.74
CA THR A 61 -7.05 -20.77 -10.35
C THR A 61 -5.87 -21.37 -9.59
N GLU A 62 -5.06 -20.52 -8.95
CA GLU A 62 -3.90 -21.00 -8.19
C GLU A 62 -4.22 -21.76 -6.90
N HIS A 63 -5.45 -21.64 -6.41
CA HIS A 63 -5.87 -22.32 -5.18
C HIS A 63 -5.37 -21.61 -3.93
N THR A 64 -4.90 -20.39 -4.12
CA THR A 64 -4.43 -19.56 -3.03
C THR A 64 -5.42 -18.42 -2.87
N GLU A 65 -6.33 -18.30 -3.85
CA GLU A 65 -7.33 -17.25 -3.85
C GLU A 65 -8.31 -17.31 -2.69
N GLN A 66 -8.85 -16.15 -2.33
CA GLN A 66 -9.85 -16.00 -1.27
C GLN A 66 -10.81 -14.85 -1.59
N LYS A 67 -12.07 -15.17 -1.91
CA LYS A 67 -13.07 -14.13 -2.23
C LYS A 67 -13.82 -13.68 -0.98
N ARG A 68 -14.13 -12.39 -0.93
CA ARG A 68 -14.85 -11.81 0.19
C ARG A 68 -15.77 -10.70 -0.31
N ASN A 69 -16.85 -10.46 0.43
CA ASN A 69 -17.81 -9.42 0.09
C ASN A 69 -17.66 -8.29 1.08
N VAL A 70 -17.87 -7.08 0.60
CA VAL A 70 -17.74 -5.90 1.43
C VAL A 70 -19.07 -5.59 2.14
N ILE A 71 -19.02 -5.48 3.46
CA ILE A 71 -20.22 -5.19 4.24
C ILE A 71 -20.21 -3.76 4.77
N ARG A 72 -19.23 -2.98 4.34
CA ARG A 72 -19.13 -1.58 4.73
C ARG A 72 -18.01 -0.84 4.03
N ILE A 73 -18.30 0.40 3.69
CA ILE A 73 -17.34 1.26 3.01
C ILE A 73 -17.25 2.53 3.85
N ILE A 74 -16.01 2.91 4.18
CA ILE A 74 -15.77 4.11 4.97
C ILE A 74 -14.77 4.97 4.22
N PRO A 75 -15.26 5.92 3.41
CA PRO A 75 -14.35 6.80 2.69
C PRO A 75 -13.89 7.84 3.73
N HIS A 76 -12.70 8.41 3.56
CA HIS A 76 -12.25 9.39 4.52
C HIS A 76 -13.29 10.52 4.53
N HIS A 77 -13.61 11.01 5.72
CA HIS A 77 -14.61 12.06 5.88
C HIS A 77 -14.35 13.35 5.12
N ASN A 78 -13.10 13.62 4.80
CA ASN A 78 -12.75 14.83 4.05
C ASN A 78 -12.90 14.61 2.56
N TYR A 79 -13.13 13.37 2.16
CA TYR A 79 -13.26 13.04 0.75
C TYR A 79 -14.60 13.53 0.18
N ASN A 80 -14.55 14.24 -0.94
CA ASN A 80 -15.77 14.75 -1.55
C ASN A 80 -15.64 14.86 -3.06
N ALA A 81 -16.06 13.80 -3.76
CA ALA A 81 -15.97 13.74 -5.22
C ALA A 81 -16.61 14.93 -5.94
N ALA A 82 -17.47 15.67 -5.26
CA ALA A 82 -18.12 16.82 -5.87
C ALA A 82 -17.11 17.94 -6.06
N ILE A 83 -16.35 18.24 -5.00
CA ILE A 83 -15.34 19.29 -5.06
C ILE A 83 -14.13 18.78 -5.84
N ASN A 84 -13.64 17.62 -5.43
CA ASN A 84 -12.49 17.00 -6.07
C ASN A 84 -12.55 15.49 -5.80
N LYS A 85 -12.15 14.69 -6.78
CA LYS A 85 -12.23 13.22 -6.60
C LYS A 85 -10.91 12.50 -6.32
N TYR A 86 -9.82 13.24 -6.18
CA TYR A 86 -8.53 12.63 -5.90
C TYR A 86 -7.88 13.16 -4.63
N ASN A 87 -8.57 14.08 -3.98
CA ASN A 87 -8.09 14.68 -2.75
C ASN A 87 -8.70 13.86 -1.62
N HIS A 88 -7.85 13.33 -0.76
CA HIS A 88 -8.24 12.46 0.36
C HIS A 88 -8.70 11.14 -0.23
N ASP A 89 -8.03 10.72 -1.29
CA ASP A 89 -8.36 9.48 -1.99
C ASP A 89 -7.93 8.23 -1.21
N ILE A 90 -8.67 7.90 -0.15
CA ILE A 90 -8.38 6.73 0.66
C ILE A 90 -9.69 6.25 1.28
N ALA A 91 -9.90 4.94 1.30
CA ALA A 91 -11.12 4.37 1.84
C ALA A 91 -10.87 3.02 2.51
N LEU A 92 -11.78 2.65 3.41
CA LEU A 92 -11.68 1.38 4.13
C LEU A 92 -12.83 0.46 3.73
N LEU A 93 -12.56 -0.84 3.69
CA LEU A 93 -13.58 -1.83 3.32
C LEU A 93 -13.64 -2.96 4.33
N GLU A 94 -14.81 -3.17 4.94
CA GLU A 94 -14.92 -4.26 5.88
C GLU A 94 -15.45 -5.50 5.15
N LEU A 95 -14.75 -6.62 5.34
CA LEU A 95 -15.09 -7.89 4.72
C LEU A 95 -16.14 -8.61 5.55
N ASP A 96 -16.99 -9.39 4.88
CA ASP A 96 -18.06 -10.16 5.54
C ASP A 96 -17.54 -11.26 6.46
N GLU A 97 -16.56 -12.00 5.98
CA GLU A 97 -15.95 -13.09 6.73
C GLU A 97 -14.46 -12.76 6.75
N PRO A 98 -13.78 -13.05 7.87
CA PRO A 98 -12.36 -12.78 8.01
C PRO A 98 -11.54 -13.64 7.08
N LEU A 99 -10.45 -13.07 6.56
CA LEU A 99 -9.54 -13.78 5.68
C LEU A 99 -8.70 -14.68 6.57
N VAL A 100 -8.24 -15.79 5.98
CA VAL A 100 -7.38 -16.71 6.70
C VAL A 100 -5.96 -16.37 6.27
N LEU A 101 -5.17 -15.89 7.22
CA LEU A 101 -3.80 -15.50 6.93
C LEU A 101 -2.85 -16.68 6.70
N ASN A 102 -2.03 -16.54 5.68
CA ASN A 102 -1.04 -17.55 5.31
C ASN A 102 0.01 -16.84 4.48
N SER A 103 0.90 -17.61 3.86
CA SER A 103 1.97 -17.04 3.06
C SER A 103 1.52 -16.25 1.83
N TYR A 104 0.26 -16.36 1.46
CA TYR A 104 -0.27 -15.66 0.30
C TYR A 104 -1.19 -14.52 0.70
N VAL A 105 -1.63 -14.58 1.95
CA VAL A 105 -2.55 -13.60 2.48
C VAL A 105 -1.96 -13.01 3.76
N THR A 106 -1.16 -11.96 3.60
CA THR A 106 -0.51 -11.30 4.73
C THR A 106 -0.72 -9.79 4.73
N PRO A 107 -1.08 -9.21 5.88
CA PRO A 107 -1.29 -7.75 5.92
C PRO A 107 -0.02 -6.92 5.73
N ILE A 108 -0.20 -5.65 5.35
CA ILE A 108 0.91 -4.74 5.18
C ILE A 108 1.08 -4.02 6.54
N CYS A 109 2.29 -3.55 6.82
CA CYS A 109 2.53 -2.84 8.08
C CYS A 109 2.22 -1.36 7.91
N ILE A 110 1.52 -0.79 8.89
CA ILE A 110 1.21 0.63 8.89
C ILE A 110 1.95 1.20 10.08
N ALA A 111 2.85 2.15 9.85
CA ALA A 111 3.62 2.74 10.92
C ALA A 111 3.09 4.07 11.40
N ASP A 112 3.71 4.57 12.47
CA ASP A 112 3.37 5.85 13.07
C ASP A 112 3.30 6.89 11.97
N LYS A 113 2.60 7.99 12.21
CA LYS A 113 2.50 9.06 11.23
C LYS A 113 3.88 9.63 10.91
N GLU A 114 4.73 9.62 11.92
CA GLU A 114 6.08 10.16 11.83
C GLU A 114 7.05 9.27 11.08
N TYR A 115 6.98 7.96 11.33
CA TYR A 115 7.88 7.03 10.63
C TYR A 115 7.43 6.85 9.21
N THR A 116 6.12 6.75 9.01
CA THR A 116 5.55 6.57 7.69
C THR A 116 6.16 7.60 6.76
N ASN A 117 6.32 8.82 7.28
CA ASN A 117 6.86 9.93 6.50
C ASN A 117 8.37 9.82 6.31
N ILE A 118 9.05 9.17 7.25
CA ILE A 118 10.49 8.98 7.17
C ILE A 118 10.83 7.89 6.15
N PHE A 119 10.05 6.82 6.15
CA PHE A 119 10.22 5.71 5.22
C PHE A 119 9.91 6.16 3.80
N LEU A 120 9.02 7.15 3.67
CA LEU A 120 8.64 7.65 2.36
C LEU A 120 9.87 8.38 1.82
N LYS A 121 10.59 9.04 2.73
CA LYS A 121 11.79 9.79 2.37
C LYS A 121 12.97 8.93 1.95
N PHE A 122 12.90 7.63 2.17
CA PHE A 122 13.98 6.74 1.75
C PHE A 122 14.17 6.80 0.24
N GLY A 123 13.24 7.44 -0.46
CA GLY A 123 13.34 7.56 -1.91
C GLY A 123 12.65 6.52 -2.78
N SER A 124 12.85 5.24 -2.49
CA SER A 124 12.26 4.16 -3.29
C SER A 124 11.05 3.45 -2.72
N GLY A 125 10.08 3.20 -3.59
CA GLY A 125 8.87 2.50 -3.20
C GLY A 125 8.49 1.46 -4.24
N TYR A 126 7.71 0.47 -3.81
CA TYR A 126 7.25 -0.58 -4.69
C TYR A 126 5.76 -0.40 -4.95
N VAL A 127 5.40 -0.46 -6.22
CA VAL A 127 4.02 -0.30 -6.66
C VAL A 127 3.61 -1.55 -7.44
N SER A 128 2.42 -2.06 -7.16
CA SER A 128 1.93 -3.26 -7.84
C SER A 128 0.43 -3.30 -8.11
N GLY A 129 0.06 -3.99 -9.18
CA GLY A 129 -1.34 -4.12 -9.54
C GLY A 129 -1.55 -4.85 -10.87
N TRP A 130 -2.80 -5.11 -11.19
CA TRP A 130 -3.17 -5.78 -12.43
C TRP A 130 -3.73 -4.77 -13.44
N GLY A 131 -3.19 -3.56 -13.44
CA GLY A 131 -3.66 -2.53 -14.35
C GLY A 131 -3.02 -2.58 -15.73
N ARG A 132 -3.34 -1.60 -16.57
CA ARG A 132 -2.79 -1.55 -17.92
C ARG A 132 -1.27 -1.65 -17.96
N VAL A 133 -0.78 -2.49 -18.88
CA VAL A 133 0.65 -2.69 -19.05
C VAL A 133 1.25 -1.77 -20.12
N PHE A 134 0.38 -1.00 -20.76
CA PHE A 134 0.76 -0.02 -21.79
C PHE A 134 -0.32 1.05 -21.80
N HIS A 135 0.07 2.32 -21.90
CA HIS A 135 -0.91 3.41 -21.92
C HIS A 135 -1.99 3.11 -22.96
N LYS A 136 -3.21 2.90 -22.48
CA LYS A 136 -4.34 2.58 -23.35
C LYS A 136 -4.30 1.16 -23.91
N GLY A 137 -3.64 0.26 -23.20
CA GLY A 137 -3.56 -1.12 -23.68
C GLY A 137 -4.34 -2.12 -22.84
N ARG A 138 -3.88 -3.37 -22.90
CA ARG A 138 -4.49 -4.46 -22.16
C ARG A 138 -3.98 -4.47 -20.73
N SER A 139 -4.70 -5.17 -19.87
CA SER A 139 -4.33 -5.29 -18.47
C SER A 139 -3.40 -6.49 -18.30
N ALA A 140 -2.93 -6.71 -17.08
CA ALA A 140 -2.03 -7.81 -16.80
C ALA A 140 -2.78 -9.03 -16.29
N LEU A 141 -2.46 -10.20 -16.81
CA LEU A 141 -3.10 -11.42 -16.34
C LEU A 141 -2.42 -11.77 -15.04
N VAL A 142 -1.13 -11.49 -14.98
CA VAL A 142 -0.33 -11.76 -13.80
C VAL A 142 0.11 -10.44 -13.14
N LEU A 143 0.09 -10.42 -11.81
CA LEU A 143 0.45 -9.23 -11.07
C LEU A 143 1.79 -8.64 -11.46
N GLN A 144 1.80 -7.34 -11.73
CA GLN A 144 3.01 -6.62 -12.10
C GLN A 144 3.45 -5.74 -10.95
N TYR A 145 4.73 -5.42 -10.90
CA TYR A 145 5.24 -4.54 -9.85
C TYR A 145 6.35 -3.68 -10.44
N LEU A 146 6.62 -2.56 -9.80
CA LEU A 146 7.62 -1.62 -10.30
C LEU A 146 8.13 -0.75 -9.16
N ARG A 147 9.43 -0.47 -9.17
CA ARG A 147 10.00 0.36 -8.14
C ARG A 147 10.04 1.80 -8.66
N VAL A 148 9.50 2.72 -7.88
CA VAL A 148 9.46 4.11 -8.30
C VAL A 148 10.10 5.09 -7.30
N PRO A 149 11.06 5.90 -7.80
CA PRO A 149 11.76 6.90 -6.99
C PRO A 149 10.86 8.10 -6.71
N LEU A 150 10.99 8.67 -5.52
CA LEU A 150 10.18 9.82 -5.13
C LEU A 150 10.61 11.03 -5.92
N VAL A 151 9.64 11.83 -6.35
CA VAL A 151 9.93 13.02 -7.13
C VAL A 151 9.86 14.30 -6.30
N ASP A 152 10.79 15.19 -6.61
CA ASP A 152 10.90 16.50 -5.98
C ASP A 152 9.54 17.18 -5.87
N ARG A 153 9.24 17.74 -4.69
CA ARG A 153 7.97 18.44 -4.48
C ARG A 153 7.82 19.58 -5.49
N ALA A 154 8.91 20.30 -5.76
CA ALA A 154 8.88 21.41 -6.71
C ALA A 154 8.61 20.92 -8.13
N THR A 155 9.27 19.83 -8.51
CA THR A 155 9.10 19.21 -9.82
C THR A 155 7.65 18.73 -10.01
N CYS A 156 7.17 18.00 -9.01
CA CYS A 156 5.84 17.44 -8.97
C CYS A 156 4.78 18.51 -9.25
N LEU A 157 4.84 19.61 -8.51
CA LEU A 157 3.90 20.71 -8.65
C LEU A 157 3.98 21.43 -9.98
N ARG A 158 5.11 21.27 -10.67
CA ARG A 158 5.32 21.97 -11.93
C ARG A 158 5.01 21.10 -13.14
N SER A 159 4.81 19.81 -12.90
CA SER A 159 4.52 18.87 -13.98
C SER A 159 3.09 18.90 -14.48
N THR A 160 2.16 19.36 -13.64
CA THR A 160 0.75 19.41 -14.03
C THR A 160 0.16 20.79 -13.82
N LYS A 161 -0.99 21.03 -14.46
CA LYS A 161 -1.69 22.30 -14.34
C LYS A 161 -2.85 22.08 -13.37
N PHE A 162 -2.87 20.89 -12.77
CA PHE A 162 -3.87 20.50 -11.80
C PHE A 162 -3.24 20.74 -10.41
N THR A 163 -4.08 20.92 -9.40
CA THR A 163 -3.60 21.19 -8.06
C THR A 163 -3.18 19.94 -7.29
N ILE A 164 -1.91 19.90 -6.91
CA ILE A 164 -1.37 18.79 -6.14
C ILE A 164 -1.41 19.23 -4.67
N TYR A 165 -2.31 18.64 -3.89
CA TYR A 165 -2.41 18.99 -2.49
C TYR A 165 -1.38 18.25 -1.66
N ASN A 166 -1.09 18.77 -0.47
CA ASN A 166 -0.08 18.15 0.38
C ASN A 166 -0.51 16.79 0.88
N ASN A 167 -1.69 16.34 0.45
CA ASN A 167 -2.23 15.04 0.81
C ASN A 167 -1.74 13.99 -0.17
N MET A 168 -1.17 14.45 -1.29
CA MET A 168 -0.66 13.57 -2.33
C MET A 168 0.82 13.82 -2.66
N PHE A 169 1.45 12.91 -3.40
CA PHE A 169 2.86 13.05 -3.79
C PHE A 169 3.19 12.40 -5.12
N CYS A 170 4.32 12.80 -5.73
CA CYS A 170 4.75 12.23 -7.01
C CYS A 170 5.85 11.18 -6.87
N ALA A 171 5.81 10.22 -7.80
CA ALA A 171 6.78 9.14 -7.87
C ALA A 171 6.78 8.68 -9.31
N GLY A 172 7.90 8.15 -9.79
CA GLY A 172 7.97 7.71 -11.16
C GLY A 172 9.27 8.17 -11.78
N PHE A 173 9.33 8.21 -13.11
CA PHE A 173 10.56 8.61 -13.76
C PHE A 173 10.38 9.83 -14.65
N HIS A 174 11.48 10.56 -14.84
CA HIS A 174 11.51 11.75 -15.68
C HIS A 174 11.46 11.28 -17.13
N GLU A 175 12.12 10.16 -17.37
CA GLU A 175 12.22 9.55 -18.68
C GLU A 175 10.86 9.07 -19.18
N GLY A 176 10.11 8.42 -18.29
CA GLY A 176 8.82 7.89 -18.66
C GLY A 176 8.99 6.40 -18.91
N GLY A 177 8.06 5.79 -19.64
CA GLY A 177 8.14 4.37 -19.94
C GLY A 177 7.73 3.45 -18.81
N ARG A 178 7.95 3.87 -17.58
CA ARG A 178 7.63 3.08 -16.39
C ARG A 178 6.77 3.88 -15.42
N ASP A 179 5.53 3.44 -15.24
CA ASP A 179 4.59 4.14 -14.37
C ASP A 179 3.46 3.17 -13.96
N SER A 180 2.57 3.64 -13.10
CA SER A 180 1.40 2.86 -12.71
C SER A 180 0.35 3.35 -13.70
N CYS A 181 -0.74 2.61 -13.86
CA CYS A 181 -1.74 3.05 -14.83
C CYS A 181 -3.12 2.70 -14.33
N GLN A 182 -4.16 2.90 -15.15
CA GLN A 182 -5.51 2.60 -14.71
C GLN A 182 -5.73 1.11 -14.44
N GLY A 183 -6.42 0.84 -13.33
CA GLY A 183 -6.68 -0.52 -12.92
C GLY A 183 -5.79 -0.84 -11.72
N ASP A 184 -4.81 0.03 -11.48
CA ASP A 184 -3.86 -0.14 -10.37
C ASP A 184 -4.22 0.66 -9.14
N SER A 185 -4.84 1.81 -9.32
CA SER A 185 -5.22 2.66 -8.19
C SER A 185 -5.98 1.91 -7.12
N GLY A 186 -5.69 2.25 -5.87
CA GLY A 186 -6.30 1.60 -4.72
C GLY A 186 -5.22 0.67 -4.18
N GLY A 187 -4.25 0.38 -5.05
CA GLY A 187 -3.16 -0.49 -4.71
C GLY A 187 -2.09 0.15 -3.87
N PRO A 188 -1.23 -0.68 -3.24
CA PRO A 188 -0.15 -0.23 -2.38
C PRO A 188 1.11 0.35 -3.03
N HIS A 189 1.72 1.25 -2.27
CA HIS A 189 2.98 1.88 -2.61
C HIS A 189 3.72 1.61 -1.30
N VAL A 190 4.53 0.56 -1.29
CA VAL A 190 5.25 0.19 -0.07
C VAL A 190 6.74 0.50 -0.11
N THR A 191 7.32 0.63 1.08
CA THR A 191 8.74 0.89 1.27
C THR A 191 9.21 -0.26 2.12
N GLU A 192 10.34 -0.85 1.74
CA GLU A 192 10.87 -1.97 2.51
C GLU A 192 11.90 -1.46 3.53
N VAL A 193 11.70 -1.84 4.79
CA VAL A 193 12.59 -1.41 5.87
C VAL A 193 13.21 -2.62 6.57
N GLU A 194 14.37 -3.03 6.06
CA GLU A 194 15.09 -4.18 6.61
C GLU A 194 14.21 -5.41 6.55
N GLY A 195 13.80 -5.78 5.33
CA GLY A 195 12.98 -6.96 5.14
C GLY A 195 11.53 -6.90 5.60
N THR A 196 11.08 -5.74 6.06
CA THR A 196 9.69 -5.57 6.50
C THR A 196 9.06 -4.40 5.77
N SER A 197 8.01 -4.67 5.00
CA SER A 197 7.36 -3.64 4.22
C SER A 197 6.26 -2.89 4.96
N PHE A 198 6.26 -1.58 4.73
CA PHE A 198 5.29 -0.68 5.32
C PHE A 198 4.58 0.07 4.21
N LEU A 199 3.30 0.31 4.41
CA LEU A 199 2.53 1.05 3.43
C LEU A 199 2.95 2.52 3.52
N THR A 200 3.41 3.10 2.42
CA THR A 200 3.79 4.51 2.44
C THR A 200 2.94 5.33 1.48
N GLY A 201 2.07 4.66 0.72
CA GLY A 201 1.21 5.37 -0.21
C GLY A 201 0.12 4.55 -0.86
N ILE A 202 -0.81 5.22 -1.55
CA ILE A 202 -1.89 4.54 -2.26
C ILE A 202 -1.95 5.07 -3.70
N ILE A 203 -1.83 4.16 -4.67
CA ILE A 203 -1.88 4.51 -6.08
C ILE A 203 -3.21 5.23 -6.32
N SER A 204 -3.13 6.49 -6.70
CA SER A 204 -4.34 7.28 -6.91
C SER A 204 -4.67 7.56 -8.37
N TRP A 205 -4.06 8.60 -8.93
CA TRP A 205 -4.33 8.99 -10.31
C TRP A 205 -3.10 9.39 -11.11
N GLY A 206 -3.35 10.03 -12.25
CA GLY A 206 -2.28 10.50 -13.11
C GLY A 206 -2.85 11.05 -14.41
N GLU A 207 -1.96 11.38 -15.33
CA GLU A 207 -2.35 11.91 -16.63
C GLU A 207 -1.68 11.02 -17.67
N GLU A 208 -2.44 10.11 -18.26
CA GLU A 208 -1.88 9.19 -19.24
C GLU A 208 -0.99 8.28 -18.42
N CYS A 209 -0.19 7.43 -19.06
CA CYS A 209 0.67 6.53 -18.34
C CYS A 209 2.07 6.43 -18.90
N ALA A 210 3.05 6.53 -18.01
CA ALA A 210 4.46 6.43 -18.37
C ALA A 210 4.89 7.49 -19.37
N MET A 211 4.09 8.53 -19.54
CA MET A 211 4.47 9.57 -20.48
C MET A 211 5.52 10.50 -19.86
N LYS A 212 6.61 10.74 -20.59
CA LYS A 212 7.72 11.57 -20.12
C LYS A 212 7.31 12.98 -19.69
N GLY A 213 7.74 13.37 -18.49
CA GLY A 213 7.43 14.69 -17.99
C GLY A 213 6.32 14.69 -16.94
N LYS A 214 5.47 13.68 -17.00
CA LYS A 214 4.37 13.57 -16.06
C LYS A 214 4.54 12.36 -15.16
N TYR A 215 4.03 12.47 -13.93
CA TYR A 215 4.19 11.39 -12.96
C TYR A 215 2.87 10.83 -12.46
N GLY A 216 2.99 9.95 -11.47
CA GLY A 216 1.82 9.34 -10.86
C GLY A 216 1.61 9.94 -9.49
N ILE A 217 0.39 10.35 -9.22
CA ILE A 217 0.06 10.93 -7.92
C ILE A 217 -0.39 9.82 -6.97
N TYR A 218 0.20 9.81 -5.78
CA TYR A 218 -0.09 8.82 -4.77
C TYR A 218 -0.56 9.54 -3.52
N THR A 219 -1.44 8.90 -2.77
CA THR A 219 -1.96 9.48 -1.54
C THR A 219 -0.93 9.31 -0.43
N LYS A 220 -0.61 10.42 0.23
CA LYS A 220 0.36 10.42 1.31
C LYS A 220 -0.30 9.79 2.54
N VAL A 221 -0.15 8.48 2.65
CA VAL A 221 -0.73 7.71 3.75
C VAL A 221 -0.40 8.20 5.17
N SER A 222 0.71 8.92 5.33
CA SER A 222 1.11 9.39 6.66
C SER A 222 0.09 10.32 7.28
N ARG A 223 -0.65 11.03 6.44
CA ARG A 223 -1.66 11.93 6.96
C ARG A 223 -2.96 11.19 7.29
N TYR A 224 -2.94 9.87 7.15
CA TYR A 224 -4.12 9.05 7.41
C TYR A 224 -3.91 7.83 8.30
N VAL A 225 -2.66 7.57 8.67
CA VAL A 225 -2.32 6.45 9.52
C VAL A 225 -3.27 6.22 10.70
N ASN A 226 -3.56 7.30 11.44
CA ASN A 226 -4.44 7.25 12.60
C ASN A 226 -5.88 6.85 12.34
N TRP A 227 -6.45 7.44 11.30
CA TRP A 227 -7.82 7.16 10.89
C TRP A 227 -7.92 5.66 10.55
N ILE A 228 -6.90 5.14 9.89
CA ILE A 228 -6.86 3.75 9.52
C ILE A 228 -6.83 2.91 10.79
N LYS A 229 -5.75 3.07 11.55
CA LYS A 229 -5.51 2.36 12.80
C LYS A 229 -6.73 2.33 13.71
N GLU A 230 -7.50 3.41 13.64
CA GLU A 230 -8.70 3.57 14.45
C GLU A 230 -9.89 2.72 14.05
N LYS A 231 -10.33 2.89 12.80
CA LYS A 231 -11.50 2.18 12.30
C LYS A 231 -11.29 0.74 11.87
N THR A 232 -10.04 0.30 11.83
CA THR A 232 -9.72 -1.06 11.43
C THR A 232 -9.38 -1.93 12.63
N LYS A 233 -9.09 -1.27 13.76
CA LYS A 233 -8.75 -1.98 15.00
C LYS A 233 -9.83 -3.04 15.30
N LEU A 234 -9.41 -4.26 15.63
CA LEU A 234 -10.37 -5.33 15.89
C LEU A 234 -10.94 -5.52 17.30
N THR A 235 -12.20 -5.92 17.35
CA THR A 235 -12.91 -6.17 18.60
C THR A 235 -13.76 -7.45 18.44
N MET B 1 20.50 7.83 26.01
CA MET B 1 20.96 8.04 24.61
C MET B 1 19.89 8.84 23.88
N THR B 2 20.30 9.72 22.98
CA THR B 2 19.35 10.53 22.23
C THR B 2 18.66 9.56 21.25
N CYS B 3 17.33 9.46 21.34
CA CYS B 3 16.56 8.57 20.47
C CYS B 3 16.76 8.94 18.99
N ASN B 4 17.42 10.07 18.76
CA ASN B 4 17.70 10.58 17.43
C ASN B 4 19.02 9.98 16.90
N ILE B 5 19.82 9.45 17.82
CA ILE B 5 21.11 8.85 17.47
C ILE B 5 20.83 7.43 16.96
N LYS B 6 21.04 7.22 15.66
CA LYS B 6 20.79 5.92 15.02
C LYS B 6 19.51 5.22 15.51
N ASN B 7 18.41 5.98 15.58
CA ASN B 7 17.12 5.47 16.01
C ASN B 7 17.17 4.81 17.38
N GLY B 8 18.28 4.99 18.10
CA GLY B 8 18.42 4.41 19.42
C GLY B 8 18.73 2.92 19.37
N ARG B 9 19.18 2.47 18.21
CA ARG B 9 19.51 1.06 17.99
C ARG B 9 18.25 0.18 17.94
N CYS B 10 17.08 0.82 18.00
CA CYS B 10 15.81 0.10 17.93
C CYS B 10 15.59 -0.35 16.49
N GLU B 11 15.28 -1.65 16.31
CA GLU B 11 15.07 -2.21 14.99
C GLU B 11 14.00 -1.46 14.20
N GLN B 12 12.92 -1.12 14.89
CA GLN B 12 11.81 -0.43 14.26
C GLN B 12 11.54 0.98 14.77
N PHE B 13 10.87 1.07 15.90
CA PHE B 13 10.52 2.37 16.45
C PHE B 13 11.25 2.69 17.76
N CYS B 14 11.52 3.98 17.97
CA CYS B 14 12.20 4.45 19.17
C CYS B 14 11.49 5.67 19.75
N LYS B 15 11.62 5.88 21.05
CA LYS B 15 10.98 6.99 21.72
C LYS B 15 11.73 7.45 22.96
N ASN B 16 11.08 8.33 23.71
CA ASN B 16 11.60 8.90 24.96
C ASN B 16 10.39 9.53 25.64
N SER B 17 9.85 8.85 26.65
CA SER B 17 8.67 9.34 27.35
C SER B 17 8.88 9.94 28.75
N ALA B 18 8.94 9.09 29.77
CA ALA B 18 9.12 9.58 31.15
C ALA B 18 10.41 10.39 31.33
N ASP B 19 11.45 9.75 31.87
CA ASP B 19 12.74 10.40 32.08
C ASP B 19 13.52 10.38 30.76
N ASN B 20 12.89 10.91 29.71
CA ASN B 20 13.44 10.95 28.35
C ASN B 20 14.36 9.75 28.05
N LYS B 21 13.82 8.56 28.28
CA LYS B 21 14.53 7.31 28.08
C LYS B 21 14.21 6.69 26.73
N VAL B 22 15.26 6.25 26.04
CA VAL B 22 15.12 5.62 24.73
C VAL B 22 14.43 4.28 24.80
N VAL B 23 13.11 4.29 24.60
CA VAL B 23 12.33 3.06 24.61
C VAL B 23 12.13 2.60 23.17
N CYS B 24 12.13 1.28 22.97
CA CYS B 24 11.91 0.74 21.65
C CYS B 24 10.51 0.18 21.61
N SER B 25 9.99 -0.06 20.42
CA SER B 25 8.67 -0.63 20.26
C SER B 25 8.65 -1.21 18.85
N CYS B 26 7.74 -2.14 18.62
CA CYS B 26 7.60 -2.76 17.33
C CYS B 26 6.22 -2.44 16.79
N THR B 27 5.82 -3.11 15.71
CA THR B 27 4.50 -2.89 15.16
C THR B 27 3.68 -4.14 15.45
N GLU B 28 2.36 -4.03 15.33
CA GLU B 28 1.48 -5.16 15.60
C GLU B 28 1.94 -6.49 14.99
N GLY B 29 1.89 -7.54 15.79
CA GLY B 29 2.30 -8.85 15.33
C GLY B 29 3.76 -9.14 15.63
N TYR B 30 4.41 -8.19 16.30
CA TYR B 30 5.81 -8.31 16.68
C TYR B 30 5.94 -7.97 18.16
N ARG B 31 6.90 -8.58 18.82
CA ARG B 31 7.15 -8.29 20.24
C ARG B 31 8.65 -8.16 20.40
N LEU B 32 9.05 -7.30 21.33
CA LEU B 32 10.47 -7.02 21.56
C LEU B 32 11.14 -8.12 22.38
N ALA B 33 12.16 -8.75 21.81
CA ALA B 33 12.90 -9.81 22.49
C ALA B 33 13.65 -9.22 23.68
N GLU B 34 14.48 -10.04 24.34
CA GLU B 34 15.24 -9.53 25.47
C GLU B 34 16.44 -8.75 24.96
N ASN B 35 16.74 -8.88 23.66
CA ASN B 35 17.84 -8.12 23.07
C ASN B 35 17.48 -6.66 23.23
N GLN B 36 16.24 -6.42 23.67
CA GLN B 36 15.70 -5.09 23.93
C GLN B 36 15.69 -4.06 22.82
N LYS B 37 16.10 -4.45 21.62
CA LYS B 37 16.11 -3.53 20.50
C LYS B 37 15.43 -4.18 19.30
N SER B 38 15.77 -5.44 19.05
CA SER B 38 15.19 -6.17 17.93
C SER B 38 13.76 -6.65 18.17
N CYS B 39 13.03 -6.80 17.07
CA CYS B 39 11.65 -7.25 17.10
C CYS B 39 11.54 -8.70 16.64
N GLU B 40 10.67 -9.45 17.30
CA GLU B 40 10.46 -10.85 16.95
C GLU B 40 8.99 -11.13 16.70
N PRO B 41 8.69 -11.92 15.66
CA PRO B 41 7.31 -12.25 15.33
C PRO B 41 6.59 -12.87 16.53
N ALA B 42 5.40 -12.38 16.82
CA ALA B 42 4.60 -12.87 17.93
C ALA B 42 3.32 -13.46 17.36
N VAL B 43 3.34 -13.73 16.06
CA VAL B 43 2.22 -14.31 15.35
C VAL B 43 2.78 -15.18 14.23
N PRO B 44 1.99 -16.17 13.76
CA PRO B 44 2.43 -17.06 12.67
C PRO B 44 2.82 -16.31 11.41
N PHE B 45 2.10 -15.24 11.10
CA PHE B 45 2.40 -14.40 9.94
C PHE B 45 2.28 -12.94 10.34
N PRO B 46 3.40 -12.27 10.60
CA PRO B 46 3.33 -10.86 10.98
C PRO B 46 3.11 -10.04 9.72
N CYS B 47 2.96 -8.73 9.87
CA CYS B 47 2.77 -7.87 8.72
C CYS B 47 4.06 -7.66 7.93
N GLY B 48 3.91 -7.06 6.77
CA GLY B 48 5.04 -6.75 5.91
C GLY B 48 6.13 -7.74 5.59
N ARG B 49 5.88 -9.03 5.74
CA ARG B 49 6.94 -10.00 5.40
C ARG B 49 6.57 -11.12 4.46
N VAL B 50 7.54 -11.49 3.63
CA VAL B 50 7.40 -12.56 2.65
C VAL B 50 7.77 -13.88 3.29
N SER B 51 6.91 -14.87 3.15
CA SER B 51 7.15 -16.19 3.73
C SER B 51 6.95 -17.36 2.75
N VAL B 52 7.01 -17.06 1.46
CA VAL B 52 6.86 -18.08 0.43
C VAL B 52 8.19 -18.16 -0.31
N SER B 53 8.73 -19.36 -0.47
CA SER B 53 10.00 -19.50 -1.17
C SER B 53 9.97 -18.78 -2.50
N GLN B 54 10.95 -17.91 -2.72
CA GLN B 54 11.04 -17.18 -3.97
C GLN B 54 11.76 -18.05 -5.00
N THR B 55 12.13 -19.26 -4.56
CA THR B 55 12.83 -20.22 -5.40
C THR B 55 12.36 -21.65 -5.21
N SER B 56 12.34 -22.41 -6.30
CA SER B 56 11.93 -23.81 -6.28
C SER B 56 13.15 -24.66 -5.91
N LYS B 57 14.29 -24.30 -6.51
CA LYS B 57 15.55 -24.96 -6.25
C LYS B 57 15.51 -26.43 -6.67
CA CA C . -5.91 -16.76 -9.78
N2 PBZ D . 0.37 6.84 -12.79
N3 PBZ D . -0.48 7.84 -14.67
C7 PBZ D . -0.67 7.14 -13.57
C4 PBZ D . -1.97 6.73 -13.29
C2 PBZ D . -4.32 6.64 -13.90
C3 PBZ D . -3.03 7.07 -14.14
C5 PBZ D . -2.26 5.94 -12.17
C6 PBZ D . -3.55 5.49 -11.92
C1 PBZ D . -4.58 5.84 -12.79
N1 PBZ D . -5.80 5.37 -12.58
O TBU E . -8.64 -1.93 -17.61
C TBU E . -9.37 -1.03 -17.01
C1 TBU E . -8.73 -0.84 -15.65
C2 TBU E . -9.18 0.24 -17.84
C3 TBU E . -10.72 -1.59 -17.02
#